data_1HDM
#
_entry.id   1HDM
#
_cell.length_a   95.390
_cell.length_b   109.930
_cell.length_c   105.120
_cell.angle_alpha   90.00
_cell.angle_beta   90.00
_cell.angle_gamma   90.00
#
_symmetry.space_group_name_H-M   'C 2 2 21'
#
loop_
_entity.id
_entity.type
_entity.pdbx_description
1 polymer 'PROTEIN (CLASS II HISTOCOMPATIBILITY ANTIGEN, M ALPHA CHAIN)'
2 polymer 'PROTEIN (CLASS II HISTOCOMPATIBILITY ANTIGEN, M BETA CHAIN)'
#
loop_
_entity_poly.entity_id
_entity_poly.type
_entity_poly.pdbx_seq_one_letter_code
_entity_poly.pdbx_strand_id
1 'polypeptide(L)'
;VPEAPTPMWPDDLQNHTFLHTVYCQDGSPSVGLSEAYDEDQLFFFDFSQNTRVPRLPEFADWAQEQGDAILFDKEFCEWM
IQQIPKLDGKIPVSRGFPIAEVFTLKPLEFGKPNTLVCFVSNLFPPMLTVNWHDHSVPVEGFGPTFVSAVDGLSFQAFSY
LNFTPEPSDIFSCIVTHEPDRYTAIAYWVPRNALPSDLLEN
;
A
2 'polypeptide(L)'
;GGFVAHVESTCLLDDAGTPKDFTYCISFNKDLLTCWDPEENKMAPCNSLANVLSQHLNQKDTLMQRLNGLQNCATHTQPF
WGSLTNRTRPPSVQVAKTTPFNTREPVMLACYVWGFYPAEVTITWRKNGKLVMHSSAHKTAQPNGDWTYQTLSHLALTPS
YGDTYTCVVEHIGAPEPILRDWTPGLSPMQTLK
;
B
#
# COMPACT_ATOMS: atom_id res chain seq x y z
N LEU A 13 1.94 -9.02 -22.45
CA LEU A 13 0.85 -9.33 -21.47
C LEU A 13 1.43 -9.61 -20.10
N GLN A 14 1.39 -8.61 -19.23
CA GLN A 14 1.90 -8.74 -17.85
C GLN A 14 0.88 -9.47 -16.97
N ASN A 15 1.39 -10.08 -15.91
CA ASN A 15 0.56 -10.81 -14.96
C ASN A 15 0.40 -9.95 -13.70
N HIS A 16 -0.82 -9.85 -13.21
CA HIS A 16 -1.12 -9.06 -12.02
C HIS A 16 -1.74 -9.96 -10.98
N THR A 17 -1.60 -9.59 -9.72
CA THR A 17 -2.16 -10.39 -8.65
C THR A 17 -3.28 -9.66 -7.94
N PHE A 18 -4.33 -10.40 -7.62
CA PHE A 18 -5.49 -9.89 -6.90
C PHE A 18 -5.41 -10.59 -5.55
N LEU A 19 -5.27 -9.82 -4.48
CA LEU A 19 -5.18 -10.39 -3.13
C LEU A 19 -6.50 -10.28 -2.36
N HIS A 20 -6.88 -11.37 -1.71
CA HIS A 20 -8.12 -11.45 -0.95
C HIS A 20 -7.71 -12.03 0.39
N THR A 21 -7.43 -11.16 1.35
CA THR A 21 -6.97 -11.61 2.65
C THR A 21 -7.91 -11.52 3.83
N VAL A 22 -8.41 -12.68 4.23
CA VAL A 22 -9.27 -12.77 5.39
C VAL A 22 -8.30 -13.10 6.54
N TYR A 23 -8.34 -12.28 7.58
CA TYR A 23 -7.48 -12.48 8.74
C TYR A 23 -8.32 -12.16 9.96
N CYS A 24 -7.91 -12.69 11.11
CA CYS A 24 -8.67 -12.47 12.32
C CYS A 24 -7.67 -12.56 13.47
N GLN A 25 -8.04 -12.08 14.65
CA GLN A 25 -7.12 -12.07 15.78
C GLN A 25 -7.79 -12.02 17.15
N ASP A 26 -6.96 -12.03 18.18
CA ASP A 26 -7.39 -11.92 19.57
C ASP A 26 -7.29 -10.41 19.77
N GLY A 27 -8.38 -9.70 19.50
CA GLY A 27 -8.34 -8.25 19.65
C GLY A 27 -9.20 -7.60 18.58
N SER A 28 -9.30 -6.27 18.61
CA SER A 28 -10.11 -5.56 17.64
C SER A 28 -9.29 -4.91 16.53
N PRO A 29 -9.69 -5.08 15.26
CA PRO A 29 -10.88 -5.83 14.83
C PRO A 29 -10.66 -7.35 14.99
N SER A 30 -11.67 -8.04 15.53
CA SER A 30 -11.56 -9.47 15.73
C SER A 30 -11.39 -10.18 14.39
N VAL A 31 -11.97 -9.62 13.34
CA VAL A 31 -11.85 -10.22 12.02
C VAL A 31 -11.86 -9.14 10.94
N GLY A 32 -11.09 -9.34 9.90
CA GLY A 32 -11.05 -8.38 8.80
C GLY A 32 -10.84 -9.05 7.46
N LEU A 33 -11.12 -8.32 6.39
CA LEU A 33 -10.93 -8.82 5.05
C LEU A 33 -10.41 -7.67 4.20
N SER A 34 -9.35 -7.91 3.43
CA SER A 34 -8.74 -6.88 2.60
C SER A 34 -8.48 -7.40 1.19
N GLU A 35 -8.72 -6.57 0.19
CA GLU A 35 -8.49 -6.97 -1.20
C GLU A 35 -7.66 -5.92 -1.91
N ALA A 36 -6.68 -6.39 -2.68
CA ALA A 36 -5.79 -5.48 -3.39
C ALA A 36 -5.45 -5.92 -4.82
N TYR A 37 -5.19 -4.94 -5.67
CA TYR A 37 -4.79 -5.18 -7.05
C TYR A 37 -3.33 -4.83 -7.01
N ASP A 38 -2.48 -5.84 -7.14
CA ASP A 38 -1.06 -5.65 -7.07
C ASP A 38 -0.84 -5.11 -5.66
N GLU A 39 -0.26 -3.93 -5.53
CA GLU A 39 0.00 -3.41 -4.19
C GLU A 39 -1.05 -2.42 -3.66
N ASP A 40 -2.04 -2.07 -4.48
CA ASP A 40 -3.04 -1.12 -4.06
C ASP A 40 -4.38 -1.70 -3.60
N GLN A 41 -4.85 -1.22 -2.44
CA GLN A 41 -6.09 -1.69 -1.87
C GLN A 41 -7.28 -1.36 -2.76
N LEU A 42 -8.18 -2.33 -2.91
CA LEU A 42 -9.37 -2.16 -3.71
C LEU A 42 -10.55 -1.95 -2.76
N PHE A 43 -10.73 -2.89 -1.83
CA PHE A 43 -11.82 -2.80 -0.87
C PHE A 43 -11.35 -3.30 0.48
N PHE A 44 -12.11 -2.96 1.50
CA PHE A 44 -11.88 -3.45 2.85
C PHE A 44 -13.30 -3.83 3.28
N PHE A 45 -13.43 -4.94 3.98
CA PHE A 45 -14.74 -5.40 4.39
C PHE A 45 -15.20 -4.92 5.75
N ASP A 46 -16.34 -4.22 5.76
CA ASP A 46 -16.92 -3.70 6.99
C ASP A 46 -17.83 -4.81 7.53
N PHE A 47 -17.40 -5.44 8.63
CA PHE A 47 -18.16 -6.54 9.19
C PHE A 47 -19.36 -6.21 10.07
N SER A 48 -19.70 -4.92 10.18
CA SER A 48 -20.87 -4.50 10.95
C SER A 48 -22.03 -4.39 9.97
N GLN A 49 -21.82 -3.61 8.91
CA GLN A 49 -22.81 -3.41 7.87
C GLN A 49 -22.75 -4.60 6.94
N ASN A 50 -21.67 -5.38 7.06
CA ASN A 50 -21.44 -6.57 6.24
C ASN A 50 -21.45 -6.22 4.77
N THR A 51 -20.55 -5.33 4.38
CA THR A 51 -20.44 -4.91 3.00
C THR A 51 -18.99 -4.56 2.66
N ARG A 52 -18.69 -4.55 1.37
CA ARG A 52 -17.37 -4.20 0.91
C ARG A 52 -17.38 -2.69 0.79
N VAL A 53 -16.29 -2.06 1.19
CA VAL A 53 -16.19 -0.61 1.07
C VAL A 53 -15.06 -0.32 0.11
N PRO A 54 -15.31 0.50 -0.92
CA PRO A 54 -14.29 0.86 -1.90
C PRO A 54 -13.24 1.81 -1.33
N ARG A 55 -11.97 1.59 -1.69
CA ARG A 55 -10.91 2.48 -1.24
C ARG A 55 -11.09 3.81 -1.98
N LEU A 56 -11.52 3.71 -3.23
CA LEU A 56 -11.75 4.88 -4.09
C LEU A 56 -13.18 4.87 -4.63
N PRO A 57 -13.75 6.04 -4.91
CA PRO A 57 -15.12 6.14 -5.44
C PRO A 57 -15.35 5.33 -6.72
N GLU A 58 -14.35 5.28 -7.57
CA GLU A 58 -14.49 4.55 -8.83
C GLU A 58 -14.66 3.03 -8.67
N PHE A 59 -14.44 2.51 -7.47
CA PHE A 59 -14.59 1.06 -7.27
C PHE A 59 -15.95 0.73 -6.65
N ALA A 60 -16.66 1.77 -6.20
CA ALA A 60 -17.97 1.64 -5.56
C ALA A 60 -18.95 0.74 -6.32
N ASP A 61 -18.77 0.67 -7.64
CA ASP A 61 -19.67 -0.13 -8.47
C ASP A 61 -19.60 -1.62 -8.25
N TRP A 62 -18.49 -2.12 -7.75
CA TRP A 62 -18.34 -3.56 -7.55
C TRP A 62 -18.20 -3.98 -6.11
N ALA A 63 -18.58 -3.09 -5.20
CA ALA A 63 -18.50 -3.38 -3.77
C ALA A 63 -19.78 -4.10 -3.30
N GLN A 64 -20.71 -4.31 -4.22
CA GLN A 64 -21.96 -4.99 -3.87
C GLN A 64 -22.01 -6.42 -4.39
N GLU A 65 -20.84 -6.97 -4.71
CA GLU A 65 -20.74 -8.34 -5.21
C GLU A 65 -21.31 -9.31 -4.16
N GLN A 66 -22.23 -10.17 -4.57
CA GLN A 66 -22.85 -11.10 -3.63
C GLN A 66 -22.52 -12.57 -3.78
N GLY A 67 -21.92 -12.95 -4.91
CA GLY A 67 -21.57 -14.33 -5.14
C GLY A 67 -20.41 -14.74 -4.27
N ASP A 68 -20.06 -13.85 -3.35
CA ASP A 68 -18.93 -14.06 -2.46
C ASP A 68 -19.37 -14.45 -1.06
N ALA A 69 -18.57 -17.86 0.43
CA ALA A 69 -17.12 -18.05 0.46
C ALA A 69 -16.53 -17.25 1.61
N ILE A 70 -16.91 -15.98 1.70
CA ILE A 70 -16.39 -15.12 2.75
C ILE A 70 -16.83 -15.62 4.11
N LEU A 71 -18.11 -15.91 4.27
CA LEU A 71 -18.63 -16.41 5.54
C LEU A 71 -17.87 -17.65 6.01
N PHE A 72 -17.65 -18.60 5.10
CA PHE A 72 -16.92 -19.82 5.44
C PHE A 72 -15.50 -19.49 5.90
N ASP A 73 -14.82 -18.66 5.12
CA ASP A 73 -13.46 -18.25 5.43
C ASP A 73 -13.43 -17.50 6.76
N LYS A 74 -14.38 -16.58 6.92
CA LYS A 74 -14.49 -15.79 8.13
C LYS A 74 -14.63 -16.71 9.35
N GLU A 75 -15.61 -17.61 9.29
CA GLU A 75 -15.86 -18.54 10.38
C GLU A 75 -14.69 -19.46 10.71
N PHE A 76 -14.04 -19.99 9.69
CA PHE A 76 -12.91 -20.87 9.92
C PHE A 76 -11.76 -20.10 10.56
N CYS A 77 -11.57 -18.87 10.11
CA CYS A 77 -10.53 -18.03 10.68
C CYS A 77 -10.75 -17.86 12.19
N GLU A 78 -11.96 -17.47 12.58
CA GLU A 78 -12.26 -17.26 14.00
C GLU A 78 -12.17 -18.56 14.80
N TRP A 79 -12.56 -19.66 14.17
CA TRP A 79 -12.51 -20.94 14.82
C TRP A 79 -11.06 -21.22 15.25
N MET A 80 -10.10 -20.86 14.41
CA MET A 80 -8.70 -21.05 14.75
C MET A 80 -8.29 -20.24 15.99
N ILE A 81 -8.70 -18.98 16.02
CA ILE A 81 -8.38 -18.09 17.14
C ILE A 81 -8.99 -18.63 18.43
N GLN A 82 -10.19 -19.17 18.34
CA GLN A 82 -10.89 -19.70 19.52
C GLN A 82 -10.47 -21.12 19.92
N GLN A 83 -10.25 -21.98 18.93
CA GLN A 83 -9.87 -23.37 19.22
C GLN A 83 -8.38 -23.68 19.30
N ILE A 84 -7.60 -23.25 18.31
CA ILE A 84 -6.16 -23.52 18.31
C ILE A 84 -5.36 -22.62 19.24
N PRO A 85 -5.68 -21.08 22.05
CA PRO A 85 -5.57 -21.44 23.47
C PRO A 85 -4.65 -22.64 23.74
N LYS A 86 -4.61 -23.57 22.81
CA LYS A 86 -3.77 -24.76 22.95
C LYS A 86 -2.31 -24.38 22.70
N LEU A 87 -2.11 -23.31 21.94
CA LEU A 87 -0.78 -22.81 21.60
C LEU A 87 -0.30 -21.74 22.59
N ASP A 88 -1.26 -21.07 23.23
CA ASP A 88 -0.94 -20.02 24.19
C ASP A 88 0.15 -20.43 25.16
N GLY A 89 1.18 -19.61 25.27
CA GLY A 89 2.27 -19.90 26.17
C GLY A 89 3.22 -20.99 25.73
N LYS A 90 2.93 -21.63 24.60
CA LYS A 90 3.80 -22.69 24.11
C LYS A 90 4.74 -22.15 23.04
N ILE A 91 4.19 -21.41 22.08
CA ILE A 91 5.03 -20.82 21.05
C ILE A 91 5.02 -19.31 21.15
N PRO A 92 6.15 -18.67 20.82
CA PRO A 92 6.25 -17.21 20.88
C PRO A 92 5.32 -16.55 19.88
N VAL A 93 4.57 -15.56 20.36
CA VAL A 93 3.63 -14.84 19.52
C VAL A 93 4.36 -13.87 18.59
N SER A 94 4.06 -13.94 17.30
CA SER A 94 4.66 -13.06 16.30
C SER A 94 4.27 -11.60 16.55
N ARG A 95 5.25 -10.71 16.59
CA ARG A 95 4.98 -9.28 16.82
C ARG A 95 5.95 -8.36 16.07
N GLY A 96 5.40 -7.41 15.34
CA GLY A 96 6.26 -6.49 14.62
C GLY A 96 6.03 -5.07 15.11
N PHE A 97 7.11 -4.33 15.33
CA PHE A 97 7.00 -2.95 15.79
C PHE A 97 6.53 -2.08 14.63
N PRO A 98 5.49 -1.27 14.83
CA PRO A 98 5.04 -0.42 13.72
C PRO A 98 6.07 0.64 13.34
N ILE A 99 6.17 0.92 12.05
CA ILE A 99 7.11 1.93 11.56
C ILE A 99 6.32 3.01 10.84
N ALA A 100 6.34 4.23 11.41
CA ALA A 100 5.61 5.36 10.84
C ALA A 100 6.48 6.27 10.00
N GLU A 101 5.94 6.64 8.85
CA GLU A 101 6.61 7.51 7.90
C GLU A 101 5.65 8.67 7.62
N VAL A 102 6.11 9.90 7.67
CA VAL A 102 5.20 11.01 7.39
C VAL A 102 5.73 11.86 6.25
N PHE A 103 4.81 12.28 5.37
CA PHE A 103 5.15 13.10 4.21
C PHE A 103 3.87 13.74 3.67
N THR A 104 4.00 14.64 2.69
CA THR A 104 2.82 15.31 2.11
C THR A 104 2.45 14.76 0.74
N LEU A 105 1.15 14.67 0.50
CA LEU A 105 0.63 14.14 -0.76
C LEU A 105 1.21 14.88 -1.93
N LYS A 106 1.22 16.21 -1.86
CA LYS A 106 1.77 17.04 -2.92
C LYS A 106 2.96 17.83 -2.39
N PRO A 107 3.76 18.42 -3.29
CA PRO A 107 4.91 19.19 -2.83
C PRO A 107 4.47 20.41 -2.03
N LEU A 108 5.24 20.73 -1.00
CA LEU A 108 4.96 21.85 -0.13
C LEU A 108 4.87 23.19 -0.87
N GLU A 109 3.93 24.03 -0.44
CA GLU A 109 3.75 25.37 -0.99
C GLU A 109 2.86 26.04 0.05
N PHE A 110 3.46 26.88 0.88
CA PHE A 110 2.73 27.55 1.95
C PHE A 110 1.44 28.24 1.53
N GLY A 111 0.42 28.12 2.38
CA GLY A 111 -0.86 28.72 2.12
C GLY A 111 -1.72 27.94 1.14
N LYS A 112 -1.12 26.97 0.46
CA LYS A 112 -1.82 26.14 -0.52
C LYS A 112 -2.27 24.83 0.10
N PRO A 113 -3.58 24.51 0.00
CA PRO A 113 -4.12 23.27 0.57
C PRO A 113 -3.37 22.03 0.15
N ASN A 114 -3.09 21.18 1.14
CA ASN A 114 -2.35 19.93 0.94
C ASN A 114 -2.96 18.90 1.88
N THR A 115 -2.32 17.75 1.95
CA THR A 115 -2.77 16.71 2.86
C THR A 115 -1.53 15.91 3.31
N LEU A 116 -1.45 15.71 4.62
CA LEU A 116 -0.38 14.98 5.27
C LEU A 116 -0.67 13.46 5.25
N VAL A 117 0.34 12.65 4.92
CA VAL A 117 0.20 11.20 4.88
C VAL A 117 1.12 10.54 5.89
N CYS A 118 0.58 9.59 6.63
CA CYS A 118 1.34 8.83 7.62
C CYS A 118 1.25 7.36 7.26
N PHE A 119 2.30 6.85 6.62
CA PHE A 119 2.36 5.46 6.20
C PHE A 119 2.97 4.61 7.31
N VAL A 120 2.21 3.60 7.75
CA VAL A 120 2.61 2.65 8.80
C VAL A 120 2.82 1.25 8.22
N SER A 121 4.02 0.71 8.38
CA SER A 121 4.34 -0.62 7.86
C SER A 121 4.85 -1.48 9.01
N ASN A 122 5.13 -2.76 8.73
CA ASN A 122 5.60 -3.69 9.76
C ASN A 122 4.63 -3.86 10.94
N LEU A 123 3.39 -3.46 10.75
CA LEU A 123 2.39 -3.57 11.81
C LEU A 123 1.96 -5.04 12.05
N PHE A 124 2.10 -5.52 13.28
CA PHE A 124 1.72 -6.90 13.61
C PHE A 124 1.72 -7.18 15.12
N PRO A 125 0.56 -7.54 15.69
CA PRO A 125 -0.74 -7.69 15.03
C PRO A 125 -1.30 -6.40 14.48
N PRO A 126 -2.29 -6.49 13.58
CA PRO A 126 -2.88 -5.28 12.99
C PRO A 126 -3.86 -4.60 13.94
N MET A 127 -3.32 -4.07 15.03
CA MET A 127 -4.10 -3.36 16.03
C MET A 127 -3.43 -2.01 16.17
N LEU A 128 -4.10 -0.95 15.71
CA LEU A 128 -3.50 0.37 15.80
C LEU A 128 -4.47 1.54 15.83
N THR A 129 -3.95 2.64 16.32
CA THR A 129 -4.66 3.90 16.44
C THR A 129 -3.64 4.91 15.97
N VAL A 130 -4.04 5.85 15.14
CA VAL A 130 -3.10 6.88 14.70
C VAL A 130 -3.69 8.27 14.97
N ASN A 131 -2.97 9.03 15.79
CA ASN A 131 -3.37 10.38 16.17
C ASN A 131 -2.42 11.42 15.55
N TRP A 132 -2.96 12.61 15.27
CA TRP A 132 -2.15 13.70 14.69
C TRP A 132 -2.06 14.85 15.69
N HIS A 133 -0.89 15.49 15.76
CA HIS A 133 -0.68 16.60 16.68
C HIS A 133 -0.07 17.77 15.92
N ASP A 134 -0.52 18.98 16.26
CA ASP A 134 0.01 20.20 15.66
C ASP A 134 0.66 20.90 16.85
N HIS A 135 1.99 21.04 16.83
CA HIS A 135 2.71 21.68 17.92
C HIS A 135 2.31 21.11 19.28
N SER A 136 2.41 19.79 19.40
CA SER A 136 2.08 19.08 20.64
C SER A 136 0.66 19.29 21.15
N VAL A 137 -0.27 19.51 20.22
CA VAL A 137 -1.69 19.70 20.54
C VAL A 137 -2.55 18.89 19.55
N PRO A 138 -3.52 18.11 20.05
CA PRO A 138 -4.35 17.33 19.13
C PRO A 138 -4.99 18.18 18.02
N VAL A 139 -4.98 17.68 16.79
CA VAL A 139 -5.56 18.40 15.67
C VAL A 139 -7.06 18.61 15.85
N GLU A 140 -7.59 19.64 15.19
CA GLU A 140 -9.00 20.00 15.25
C GLU A 140 -9.94 18.99 14.58
N GLY A 141 -9.51 18.46 13.43
CA GLY A 141 -10.33 17.50 12.74
C GLY A 141 -9.74 16.11 12.75
N PHE A 142 -9.77 15.47 11.58
CA PHE A 142 -9.23 14.12 11.40
C PHE A 142 -9.34 13.70 9.94
N GLY A 143 -8.77 12.54 9.62
CA GLY A 143 -8.81 12.02 8.27
C GLY A 143 -9.00 10.53 8.36
N PRO A 144 -9.10 9.81 7.23
CA PRO A 144 -9.28 8.34 7.24
C PRO A 144 -7.98 7.54 7.41
N THR A 145 -8.11 6.33 7.98
CA THR A 145 -7.01 5.40 8.20
C THR A 145 -7.40 4.06 7.59
N PHE A 146 -6.77 3.70 6.48
CA PHE A 146 -7.07 2.44 5.81
C PHE A 146 -6.00 1.40 6.07
N VAL A 147 -6.38 0.33 6.75
CA VAL A 147 -5.46 -0.76 7.05
C VAL A 147 -5.64 -1.82 5.99
N SER A 148 -4.55 -2.44 5.56
CA SER A 148 -4.62 -3.49 4.54
C SER A 148 -3.53 -4.54 4.68
N ALA A 149 -3.81 -5.74 4.18
CA ALA A 149 -2.84 -6.82 4.24
C ALA A 149 -1.96 -6.71 3.00
N VAL A 150 -0.70 -7.07 3.17
CA VAL A 150 0.24 -7.03 2.06
C VAL A 150 0.87 -8.41 2.00
N ASP A 151 1.34 -8.80 0.82
CA ASP A 151 1.98 -10.10 0.64
C ASP A 151 2.98 -10.38 1.77
N GLY A 152 2.99 -11.63 2.26
CA GLY A 152 3.92 -11.99 3.33
C GLY A 152 3.27 -12.10 4.69
N LEU A 153 1.95 -12.17 4.73
CA LEU A 153 1.22 -12.27 5.99
C LEU A 153 1.45 -11.04 6.88
N SER A 154 1.77 -9.89 6.29
CA SER A 154 1.97 -8.69 7.09
C SER A 154 0.93 -7.60 6.81
N PHE A 155 0.97 -6.54 7.61
CA PHE A 155 0.00 -5.47 7.47
C PHE A 155 0.60 -4.09 7.33
N GLN A 156 -0.23 -3.14 6.91
CA GLN A 156 0.22 -1.75 6.74
C GLN A 156 -0.99 -0.83 6.85
N ALA A 157 -0.74 0.47 6.94
CA ALA A 157 -1.82 1.44 7.02
C ALA A 157 -1.43 2.81 6.46
N PHE A 158 -2.44 3.54 6.01
CA PHE A 158 -2.27 4.88 5.47
C PHE A 158 -3.29 5.79 6.15
N SER A 159 -2.81 6.79 6.86
CA SER A 159 -3.70 7.74 7.53
C SER A 159 -3.48 9.09 6.85
N TYR A 160 -4.57 9.81 6.57
CA TYR A 160 -4.44 11.09 5.89
C TYR A 160 -4.97 12.26 6.70
N LEU A 161 -4.45 13.45 6.42
CA LEU A 161 -4.90 14.67 7.10
C LEU A 161 -4.82 15.89 6.21
N ASN A 162 -5.98 16.38 5.79
CA ASN A 162 -6.04 17.57 4.94
C ASN A 162 -5.57 18.75 5.80
N PHE A 163 -4.86 19.68 5.18
CA PHE A 163 -4.36 20.83 5.91
C PHE A 163 -3.71 21.84 4.96
N THR A 164 -3.42 23.02 5.49
CA THR A 164 -2.75 24.06 4.70
C THR A 164 -1.48 24.39 5.45
N PRO A 165 -0.31 24.07 4.85
CA PRO A 165 0.99 24.33 5.48
C PRO A 165 1.37 25.80 5.68
N GLU A 166 1.93 26.09 6.85
CA GLU A 166 2.40 27.44 7.21
C GLU A 166 3.82 27.26 7.75
N PRO A 167 4.71 28.24 7.52
CA PRO A 167 6.12 28.20 7.97
C PRO A 167 6.41 27.79 9.40
N SER A 168 5.57 28.19 10.33
CA SER A 168 5.82 27.84 11.73
C SER A 168 5.37 26.43 12.10
N ASP A 169 4.75 25.74 11.16
CA ASP A 169 4.22 24.40 11.39
C ASP A 169 5.12 23.28 11.86
N ILE A 170 4.52 22.38 12.64
CA ILE A 170 5.18 21.21 13.16
C ILE A 170 4.04 20.25 13.50
N PHE A 171 3.98 19.16 12.74
CA PHE A 171 2.96 18.15 12.93
C PHE A 171 3.66 16.87 13.32
N SER A 172 2.93 15.98 13.99
CA SER A 172 3.49 14.71 14.39
C SER A 172 2.43 13.63 14.29
N CYS A 173 2.84 12.47 13.79
CA CYS A 173 1.94 11.33 13.66
C CYS A 173 2.26 10.40 14.83
N ILE A 174 1.26 10.14 15.67
CA ILE A 174 1.45 9.27 16.82
C ILE A 174 0.69 7.97 16.59
N VAL A 175 1.45 6.92 16.30
CA VAL A 175 0.87 5.62 16.04
C VAL A 175 1.03 4.74 17.26
N THR A 176 -0.09 4.32 17.84
CA THR A 176 -0.01 3.46 18.98
C THR A 176 -0.42 2.05 18.52
N HIS A 177 0.46 1.09 18.82
CA HIS A 177 0.24 -0.31 18.48
C HIS A 177 -0.62 -0.82 19.63
N GLU A 178 -1.93 -0.77 19.42
CA GLU A 178 -2.90 -1.15 20.43
C GLU A 178 -2.91 -2.59 20.93
N PRO A 179 -3.19 -2.77 22.24
CA PRO A 179 -3.49 -1.72 23.22
C PRO A 179 -2.24 -1.45 24.08
N ASP A 180 -1.63 -0.30 23.85
CA ASP A 180 -0.45 0.10 24.58
C ASP A 180 0.73 -0.88 24.46
N ARG A 181 0.83 -1.59 23.34
CA ARG A 181 1.94 -2.54 23.16
C ARG A 181 3.21 -1.73 22.91
N TYR A 182 3.08 -0.71 22.07
CA TYR A 182 4.20 0.16 21.71
C TYR A 182 3.64 1.41 21.04
N THR A 183 4.36 2.53 21.14
CA THR A 183 3.95 3.80 20.54
C THR A 183 5.07 4.45 19.75
N ALA A 184 4.79 4.79 18.49
CA ALA A 184 5.77 5.41 17.61
C ALA A 184 5.32 6.80 17.16
N ILE A 185 6.24 7.75 17.14
CA ILE A 185 5.97 9.13 16.70
C ILE A 185 6.81 9.46 15.48
N ALA A 186 6.24 10.23 14.56
CA ALA A 186 6.95 10.64 13.37
C ALA A 186 6.64 12.12 13.14
N TYR A 187 7.71 12.92 13.09
CA TYR A 187 7.56 14.35 12.92
C TYR A 187 7.65 14.79 11.49
N TRP A 188 6.99 15.91 11.20
CA TRP A 188 7.01 16.51 9.88
C TRP A 188 7.13 18.00 10.03
N VAL A 189 8.09 18.58 9.31
CA VAL A 189 8.33 20.00 9.32
C VAL A 189 8.42 20.43 7.87
N PRO A 190 7.91 21.63 7.56
CA PRO A 190 7.94 22.13 6.18
C PRO A 190 9.34 22.62 5.85
N ARG A 191 9.99 21.98 4.88
CA ARG A 191 11.33 22.38 4.49
C ARG A 191 11.38 22.39 2.98
N ASN A 192 12.23 23.24 2.41
CA ASN A 192 12.40 23.35 0.96
C ASN A 192 11.09 23.57 0.20
N ALA A 193 10.25 24.48 0.70
CA ALA A 193 8.96 24.79 0.08
C ALA A 193 9.09 25.40 -1.32
N LEU A 194 8.00 25.36 -2.08
CA LEU A 194 7.99 25.88 -3.45
C LEU A 194 7.49 27.32 -3.52
N PRO A 195 8.06 28.11 -4.43
CA PRO A 195 7.69 29.52 -4.63
C PRO A 195 6.24 29.71 -5.07
N SER A 196 5.68 30.88 -4.75
CA SER A 196 4.31 31.21 -5.11
C SER A 196 4.31 32.53 -5.89
N PHE B 3 -2.92 -14.11 19.25
CA PHE B 3 -2.42 -14.55 17.92
C PHE B 3 -3.23 -13.95 16.78
N VAL B 4 -2.70 -14.13 15.56
CA VAL B 4 -3.36 -13.67 14.34
C VAL B 4 -3.43 -14.90 13.43
N ALA B 5 -4.47 -15.00 12.62
CA ALA B 5 -4.62 -16.14 11.71
C ALA B 5 -5.08 -15.65 10.34
N HIS B 6 -4.75 -16.39 9.28
CA HIS B 6 -5.15 -16.04 7.92
C HIS B 6 -5.80 -17.18 7.15
N VAL B 7 -6.56 -16.80 6.14
CA VAL B 7 -7.22 -17.69 5.19
C VAL B 7 -7.15 -16.77 3.97
N GLU B 8 -5.99 -16.80 3.31
CA GLU B 8 -5.74 -15.95 2.17
C GLU B 8 -5.84 -16.62 0.83
N SER B 9 -6.53 -15.96 -0.09
CA SER B 9 -6.70 -16.44 -1.45
C SER B 9 -6.07 -15.42 -2.38
N THR B 10 -5.44 -15.88 -3.45
CA THR B 10 -4.83 -14.96 -4.40
C THR B 10 -5.17 -15.41 -5.82
N CYS B 11 -5.24 -14.46 -6.73
CA CYS B 11 -5.54 -14.74 -8.12
C CYS B 11 -4.51 -14.08 -9.04
N LEU B 12 -3.86 -14.90 -9.85
CA LEU B 12 -2.88 -14.41 -10.79
C LEU B 12 -3.55 -14.33 -12.15
N LEU B 13 -3.82 -13.12 -12.64
CA LEU B 13 -4.47 -12.96 -13.94
C LEU B 13 -3.61 -12.06 -14.83
N ASP B 14 -3.60 -12.35 -16.13
CA ASP B 14 -2.82 -11.57 -17.07
C ASP B 14 -3.53 -10.27 -17.46
N ASP B 15 -2.89 -9.45 -18.28
CA ASP B 15 -3.50 -8.19 -18.70
C ASP B 15 -4.92 -8.41 -19.21
N ALA B 16 -5.11 -9.51 -19.91
CA ALA B 16 -6.40 -9.85 -20.50
C ALA B 16 -7.46 -10.41 -19.56
N GLY B 17 -7.14 -10.56 -18.28
CA GLY B 17 -8.12 -11.10 -17.35
C GLY B 17 -8.14 -12.62 -17.39
N THR B 18 -7.11 -13.21 -17.99
CA THR B 18 -6.99 -14.65 -18.09
C THR B 18 -6.36 -15.16 -16.80
N PRO B 19 -7.05 -16.07 -16.07
CA PRO B 19 -6.51 -16.63 -14.82
C PRO B 19 -5.29 -17.48 -15.10
N LYS B 20 -4.18 -17.13 -14.49
CA LYS B 20 -2.93 -17.84 -14.68
C LYS B 20 -2.58 -18.74 -13.50
N ASP B 21 -3.01 -18.37 -12.29
CA ASP B 21 -2.73 -19.16 -11.11
C ASP B 21 -3.70 -18.72 -10.04
N PHE B 22 -3.91 -19.57 -9.05
CA PHE B 22 -4.82 -19.28 -7.95
C PHE B 22 -4.28 -19.93 -6.68
N THR B 23 -4.46 -19.28 -5.54
CA THR B 23 -3.95 -19.80 -4.29
C THR B 23 -4.94 -19.71 -3.14
N TYR B 24 -4.84 -20.66 -2.22
CA TYR B 24 -5.70 -20.68 -1.04
C TYR B 24 -4.91 -21.29 0.11
N CYS B 25 -4.37 -20.43 0.97
CA CYS B 25 -3.54 -20.89 2.08
C CYS B 25 -3.99 -20.46 3.47
N ILE B 26 -3.66 -21.27 4.47
CA ILE B 26 -4.01 -21.03 5.86
C ILE B 26 -2.73 -20.81 6.67
N SER B 27 -2.76 -19.87 7.61
CA SER B 27 -1.61 -19.56 8.45
C SER B 27 -2.01 -19.23 9.87
N PHE B 28 -1.09 -19.46 10.80
CA PHE B 28 -1.32 -19.13 12.19
C PHE B 28 0.00 -18.57 12.70
N ASN B 29 -0.08 -17.51 13.49
CA ASN B 29 1.11 -16.86 14.02
C ASN B 29 2.10 -16.46 12.95
N LYS B 30 1.60 -16.00 11.80
CA LYS B 30 2.45 -15.57 10.70
C LYS B 30 3.29 -16.71 10.17
N ASP B 31 2.72 -17.92 10.19
CA ASP B 31 3.36 -19.14 9.73
C ASP B 31 2.46 -19.76 8.65
N LEU B 32 2.95 -19.89 7.43
CA LEU B 32 2.13 -20.50 6.39
C LEU B 32 2.06 -22.00 6.69
N LEU B 33 0.90 -22.45 7.14
CA LEU B 33 0.74 -23.86 7.50
C LEU B 33 0.26 -24.79 6.37
N THR B 34 -0.86 -24.46 5.74
CA THR B 34 -1.36 -25.34 4.69
C THR B 34 -1.90 -24.58 3.49
N CYS B 35 -1.72 -25.18 2.31
CA CYS B 35 -2.15 -24.60 1.04
C CYS B 35 -2.84 -25.63 0.17
N TRP B 36 -3.71 -25.16 -0.71
CA TRP B 36 -4.43 -26.02 -1.63
C TRP B 36 -3.49 -26.53 -2.72
N ASP B 37 -3.49 -27.85 -2.90
CA ASP B 37 -2.66 -28.48 -3.93
C ASP B 37 -3.60 -28.87 -5.07
N PRO B 38 -3.50 -28.17 -6.21
CA PRO B 38 -4.39 -28.48 -7.33
C PRO B 38 -4.23 -29.91 -7.88
N GLU B 39 -2.99 -30.36 -8.02
CA GLU B 39 -2.70 -31.70 -8.53
C GLU B 39 -3.30 -32.79 -7.67
N GLU B 40 -3.16 -32.66 -6.36
CA GLU B 40 -3.69 -33.65 -5.43
C GLU B 40 -5.12 -33.32 -4.99
N ASN B 41 -5.66 -32.19 -5.48
CA ASN B 41 -7.00 -31.76 -5.13
C ASN B 41 -7.31 -31.86 -3.63
N LYS B 42 -6.47 -31.22 -2.81
CA LYS B 42 -6.67 -31.23 -1.38
C LYS B 42 -5.67 -30.31 -0.68
N MET B 43 -5.99 -29.92 0.55
CA MET B 43 -5.12 -29.05 1.32
C MET B 43 -3.93 -29.86 1.79
N ALA B 44 -2.72 -29.38 1.46
CA ALA B 44 -1.49 -30.05 1.83
C ALA B 44 -0.59 -29.19 2.72
N PRO B 45 0.02 -29.80 3.75
CA PRO B 45 0.91 -29.06 4.64
C PRO B 45 2.06 -28.38 3.92
N CYS B 46 2.47 -27.23 4.46
CA CYS B 46 3.57 -26.45 3.90
C CYS B 46 4.60 -26.27 5.00
N ASN B 47 4.03 -28.55 12.39
CA ASN B 47 3.69 -29.48 11.30
C ASN B 47 2.43 -30.26 11.65
N SER B 48 2.23 -30.49 12.96
CA SER B 48 1.04 -31.20 13.44
C SER B 48 -0.20 -30.35 13.16
N LEU B 49 -0.13 -29.06 13.52
CA LEU B 49 -1.20 -28.09 13.31
C LEU B 49 -1.55 -28.05 11.85
N ALA B 50 -0.51 -27.94 11.03
CA ALA B 50 -0.66 -27.87 9.59
C ALA B 50 -1.44 -29.09 9.09
N ASN B 51 -1.12 -30.26 9.64
CA ASN B 51 -1.78 -31.49 9.22
C ASN B 51 -3.22 -31.52 9.72
N VAL B 52 -3.42 -31.16 10.98
CA VAL B 52 -4.78 -31.12 11.54
C VAL B 52 -5.67 -30.16 10.72
N LEU B 53 -5.11 -29.02 10.32
CA LEU B 53 -5.85 -28.03 9.55
C LEU B 53 -6.15 -28.46 8.11
N SER B 54 -5.26 -29.23 7.50
CA SER B 54 -5.51 -29.67 6.13
C SER B 54 -6.57 -30.75 6.14
N GLN B 55 -6.53 -31.59 7.17
CA GLN B 55 -7.51 -32.65 7.28
C GLN B 55 -8.87 -32.07 7.67
N HIS B 56 -8.89 -31.15 8.61
CA HIS B 56 -10.14 -30.52 9.03
C HIS B 56 -10.86 -29.85 7.87
N LEU B 57 -10.09 -29.24 6.96
CA LEU B 57 -10.66 -28.55 5.81
C LEU B 57 -10.90 -29.52 4.66
N ASN B 58 -10.21 -30.65 4.67
CA ASN B 58 -10.37 -31.62 3.60
C ASN B 58 -11.64 -32.42 3.75
N GLN B 59 -12.29 -32.28 4.90
CA GLN B 59 -13.53 -32.99 5.18
C GLN B 59 -14.76 -32.19 4.73
N LYS B 60 -14.56 -30.93 4.35
CA LYS B 60 -15.64 -30.06 3.88
C LYS B 60 -15.68 -30.08 2.36
N ASP B 61 -16.64 -30.82 1.81
CA ASP B 61 -16.76 -30.93 0.37
C ASP B 61 -17.06 -29.61 -0.31
N THR B 62 -17.76 -28.73 0.41
CA THR B 62 -18.12 -27.41 -0.10
C THR B 62 -16.85 -26.69 -0.54
N LEU B 63 -15.87 -26.68 0.35
CA LEU B 63 -14.59 -26.03 0.08
C LEU B 63 -13.86 -26.76 -1.06
N MET B 64 -13.80 -28.09 -0.99
CA MET B 64 -13.12 -28.88 -2.03
C MET B 64 -13.62 -28.54 -3.44
N GLN B 65 -14.93 -28.43 -3.58
CA GLN B 65 -15.53 -28.11 -4.89
C GLN B 65 -15.29 -26.64 -5.24
N ARG B 66 -15.16 -25.80 -4.22
CA ARG B 66 -14.92 -24.38 -4.41
C ARG B 66 -13.49 -24.14 -4.90
N LEU B 67 -12.54 -24.84 -4.31
CA LEU B 67 -11.15 -24.70 -4.69
C LEU B 67 -10.88 -25.33 -6.04
N ASN B 68 -12.64 -25.07 -8.35
CA ASN B 68 -13.10 -24.03 -9.26
C ASN B 68 -12.35 -22.72 -9.08
N GLY B 69 -11.28 -22.77 -8.29
CA GLY B 69 -10.48 -21.58 -8.03
C GLY B 69 -10.16 -20.67 -9.20
N LEU B 70 -9.73 -21.25 -10.31
CA LEU B 70 -9.38 -20.43 -11.46
C LEU B 70 -10.56 -19.78 -12.16
N GLN B 71 -11.71 -20.46 -12.18
CA GLN B 71 -12.87 -19.88 -12.83
C GLN B 71 -13.47 -18.78 -11.96
N ASN B 72 -13.38 -18.94 -10.64
CA ASN B 72 -13.91 -17.95 -9.68
C ASN B 72 -13.12 -16.64 -9.85
N CYS B 73 -11.80 -16.76 -9.96
CA CYS B 73 -10.90 -15.62 -10.14
C CYS B 73 -11.36 -14.81 -11.33
N ALA B 74 -11.64 -15.53 -12.41
CA ALA B 74 -12.06 -14.96 -13.67
C ALA B 74 -13.41 -14.22 -13.57
N THR B 75 -14.44 -14.92 -13.11
CA THR B 75 -15.77 -14.32 -13.01
C THR B 75 -15.81 -13.18 -11.99
N HIS B 76 -15.18 -13.37 -10.85
CA HIS B 76 -15.19 -12.34 -9.83
C HIS B 76 -14.55 -11.03 -10.27
N THR B 77 -13.37 -11.11 -10.88
CA THR B 77 -12.64 -9.93 -11.30
C THR B 77 -13.12 -9.34 -12.62
N GLN B 78 -13.82 -10.15 -13.41
CA GLN B 78 -14.30 -9.74 -14.71
C GLN B 78 -14.96 -8.37 -14.79
N PRO B 79 -15.84 -8.06 -13.84
CA PRO B 79 -16.46 -6.73 -13.96
C PRO B 79 -15.48 -5.55 -13.91
N PHE B 80 -14.36 -5.69 -13.20
CA PHE B 80 -13.43 -4.58 -13.08
C PHE B 80 -12.01 -4.74 -13.61
N TRP B 81 -11.53 -5.96 -13.74
CA TRP B 81 -10.16 -6.17 -14.19
C TRP B 81 -9.64 -5.23 -15.30
N GLY B 82 -10.44 -5.05 -16.34
CA GLY B 82 -9.99 -4.19 -17.42
C GLY B 82 -9.74 -2.77 -16.96
N SER B 83 -10.62 -2.26 -16.11
CA SER B 83 -10.47 -0.89 -15.62
C SER B 83 -9.20 -0.73 -14.83
N LEU B 84 -8.73 -1.83 -14.23
CA LEU B 84 -7.51 -1.76 -13.44
C LEU B 84 -6.25 -1.88 -14.29
N THR B 85 -6.21 -2.85 -15.21
CA THR B 85 -5.03 -3.04 -16.04
C THR B 85 -4.85 -1.98 -17.12
N ASN B 86 -5.87 -1.15 -17.35
CA ASN B 86 -5.81 -0.09 -18.35
C ASN B 86 -5.65 1.28 -17.67
N ARG B 87 -5.70 1.28 -16.35
CA ARG B 87 -5.63 2.49 -15.57
C ARG B 87 -4.27 3.19 -15.53
N THR B 88 -4.29 4.49 -15.77
CA THR B 88 -3.10 5.33 -15.73
C THR B 88 -3.50 6.75 -15.31
N ARG B 89 -2.54 7.46 -14.77
CA ARG B 89 -2.72 8.84 -14.34
C ARG B 89 -1.36 9.47 -14.53
N PRO B 90 -1.29 10.51 -15.38
CA PRO B 90 -0.02 11.18 -15.65
C PRO B 90 0.53 11.91 -14.45
N PRO B 91 1.86 12.05 -14.40
CA PRO B 91 2.54 12.74 -13.30
C PRO B 91 2.56 14.24 -13.51
N SER B 92 2.80 14.94 -12.41
CA SER B 92 2.93 16.38 -12.42
C SER B 92 4.40 16.56 -12.05
N VAL B 93 5.08 17.49 -12.70
CA VAL B 93 6.49 17.70 -12.36
C VAL B 93 6.85 19.17 -12.15
N GLN B 94 7.69 19.42 -11.15
CA GLN B 94 8.12 20.77 -10.84
C GLN B 94 9.59 20.73 -10.44
N VAL B 95 10.31 21.80 -10.76
CA VAL B 95 11.72 21.87 -10.39
C VAL B 95 11.90 23.11 -9.55
N ALA B 96 12.63 22.96 -8.46
CA ALA B 96 12.92 24.08 -7.57
C ALA B 96 14.21 23.73 -6.86
N LYS B 97 14.80 24.71 -6.18
CA LYS B 97 16.03 24.48 -5.44
C LYS B 97 15.69 23.79 -4.12
N THR B 98 16.65 23.06 -3.57
CA THR B 98 16.49 22.35 -2.30
C THR B 98 17.82 22.34 -1.54
N THR B 99 17.76 22.17 -0.22
CA THR B 99 18.96 22.15 0.61
C THR B 99 19.93 21.04 0.17
N PRO B 100 21.07 21.42 -0.44
CA PRO B 100 22.07 20.48 -0.92
C PRO B 100 22.55 19.51 0.18
N PHE B 101 22.82 18.28 -0.23
CA PHE B 101 23.31 17.25 0.70
C PHE B 101 24.14 16.25 -0.06
N ASN B 102 25.14 15.70 0.60
CA ASN B 102 26.01 14.71 -0.04
C ASN B 102 26.54 15.29 -1.35
N THR B 103 27.25 16.41 -1.24
CA THR B 103 27.82 17.04 -2.41
C THR B 103 28.67 18.24 -2.02
N ARG B 104 29.47 18.71 -2.96
CA ARG B 104 30.35 19.85 -2.74
C ARG B 104 29.77 21.06 -3.47
N GLU B 105 28.86 20.78 -4.40
CA GLU B 105 28.20 21.81 -5.19
C GLU B 105 27.39 22.77 -4.31
N PRO B 106 27.36 24.05 -4.68
CA PRO B 106 26.65 25.11 -3.96
C PRO B 106 25.14 25.10 -4.21
N VAL B 107 24.72 24.43 -5.27
CA VAL B 107 23.30 24.38 -5.62
C VAL B 107 22.81 22.95 -5.91
N MET B 108 21.59 22.66 -5.48
CA MET B 108 20.98 21.36 -5.72
C MET B 108 19.53 21.53 -6.14
N LEU B 109 19.21 21.03 -7.32
CA LEU B 109 17.86 21.10 -7.82
C LEU B 109 17.10 19.86 -7.41
N ALA B 110 15.77 19.98 -7.39
CA ALA B 110 14.92 18.87 -7.05
C ALA B 110 13.75 18.89 -8.03
N CYS B 111 13.63 17.80 -8.78
CA CYS B 111 12.54 17.67 -9.73
C CYS B 111 11.51 16.79 -9.03
N TYR B 112 10.34 17.36 -8.75
CA TYR B 112 9.28 16.62 -8.07
C TYR B 112 8.29 16.07 -9.07
N VAL B 113 7.97 14.78 -8.93
CA VAL B 113 7.01 14.11 -9.82
C VAL B 113 6.02 13.40 -8.92
N TRP B 114 4.75 13.81 -8.99
CA TRP B 114 3.73 13.21 -8.14
C TRP B 114 2.39 12.94 -8.83
N GLY B 115 1.52 12.21 -8.15
CA GLY B 115 0.20 11.90 -8.66
C GLY B 115 0.09 10.96 -9.85
N PHE B 116 1.16 10.24 -10.17
CA PHE B 116 1.14 9.34 -11.31
C PHE B 116 0.78 7.88 -11.00
N TYR B 117 0.32 7.15 -12.01
CA TYR B 117 -0.01 5.74 -11.85
C TYR B 117 0.01 5.07 -13.23
N PRO B 118 0.65 3.89 -13.35
CA PRO B 118 1.34 3.07 -12.35
C PRO B 118 2.58 3.73 -11.73
N ALA B 119 3.27 3.01 -10.85
CA ALA B 119 4.46 3.51 -10.16
C ALA B 119 5.72 3.70 -10.99
N GLU B 120 5.80 3.03 -12.14
CA GLU B 120 6.97 3.11 -13.01
C GLU B 120 7.12 4.47 -13.68
N VAL B 121 8.33 5.02 -13.57
CA VAL B 121 8.65 6.33 -14.15
C VAL B 121 10.17 6.44 -14.32
N THR B 122 10.59 7.25 -15.27
CA THR B 122 12.02 7.46 -15.47
C THR B 122 12.29 8.96 -15.52
N ILE B 123 13.40 9.38 -14.92
CA ILE B 123 13.76 10.79 -14.91
C ILE B 123 15.22 11.01 -15.31
N THR B 124 15.42 11.97 -16.21
CA THR B 124 16.75 12.34 -16.67
C THR B 124 16.86 13.86 -16.70
N TRP B 125 18.09 14.37 -16.67
CA TRP B 125 18.32 15.80 -16.71
C TRP B 125 19.06 16.18 -17.97
N ARG B 126 18.92 17.43 -18.36
CA ARG B 126 19.57 17.94 -19.54
C ARG B 126 20.03 19.38 -19.29
N LYS B 127 21.34 19.61 -19.38
CA LYS B 127 21.90 20.95 -19.18
C LYS B 127 22.05 21.58 -20.56
N ASN B 128 21.24 22.59 -20.84
CA ASN B 128 21.29 23.25 -22.12
C ASN B 128 21.10 22.18 -23.21
N GLY B 129 20.02 21.43 -23.10
CA GLY B 129 19.73 20.39 -24.08
C GLY B 129 20.58 19.12 -24.12
N LYS B 130 21.65 19.06 -23.33
CA LYS B 130 22.51 17.88 -23.34
C LYS B 130 22.36 17.03 -22.07
N LEU B 131 22.08 15.75 -22.24
CA LEU B 131 21.92 14.83 -21.12
C LEU B 131 23.11 14.87 -20.16
N VAL B 132 22.87 14.56 -18.90
CA VAL B 132 23.94 14.57 -17.91
C VAL B 132 24.05 13.26 -17.10
N MET B 133 25.26 13.00 -16.59
CA MET B 133 25.58 11.81 -15.79
C MET B 133 24.61 10.65 -15.95
N HIS B 134 25.14 7.72 -15.36
CA HIS B 134 25.49 6.71 -14.36
C HIS B 134 24.47 6.68 -13.22
N SER B 135 23.63 7.71 -13.18
CA SER B 135 22.59 7.80 -12.17
C SER B 135 21.42 6.95 -12.64
N SER B 136 20.74 6.30 -11.70
CA SER B 136 19.60 5.45 -12.01
C SER B 136 18.41 6.30 -12.47
N ALA B 137 18.09 6.23 -13.76
CA ALA B 137 16.98 6.96 -14.39
C ALA B 137 15.62 6.30 -14.12
N HIS B 138 15.66 5.01 -13.79
CA HIS B 138 14.48 4.22 -13.45
C HIS B 138 14.35 4.33 -11.92
N LYS B 139 13.64 5.37 -11.48
CA LYS B 139 13.49 5.64 -10.06
C LYS B 139 12.48 4.78 -9.34
N THR B 140 12.67 4.64 -8.04
CA THR B 140 11.74 3.87 -7.24
C THR B 140 10.76 4.96 -6.73
N ALA B 141 9.50 4.61 -6.48
CA ALA B 141 8.52 5.60 -6.04
C ALA B 141 7.79 5.27 -4.72
N GLN B 142 7.37 6.33 -4.02
CA GLN B 142 6.65 6.20 -2.75
C GLN B 142 5.14 6.20 -3.01
N PRO B 143 4.45 5.13 -2.58
CA PRO B 143 3.00 5.04 -2.77
C PRO B 143 2.25 5.93 -1.79
N ASN B 144 1.26 6.66 -2.29
CA ASN B 144 0.48 7.53 -1.43
C ASN B 144 -0.68 6.78 -0.76
N GLY B 145 -0.93 5.56 -1.24
CA GLY B 145 -2.02 4.77 -0.69
C GLY B 145 -3.36 4.93 -1.39
N ASP B 146 -3.44 5.93 -2.27
CA ASP B 146 -4.67 6.23 -3.01
C ASP B 146 -4.54 5.95 -4.51
N TRP B 147 -3.63 5.05 -4.85
CA TRP B 147 -3.41 4.69 -6.24
C TRP B 147 -2.72 5.80 -7.04
N THR B 148 -1.76 6.45 -6.41
CA THR B 148 -0.95 7.48 -7.04
C THR B 148 0.40 7.37 -6.34
N TYR B 149 1.46 7.75 -7.06
CA TYR B 149 2.81 7.66 -6.53
C TYR B 149 3.56 8.97 -6.65
N GLN B 150 4.76 9.02 -6.05
CA GLN B 150 5.57 10.22 -6.13
C GLN B 150 7.05 9.92 -5.91
N THR B 151 7.91 10.67 -6.61
CA THR B 151 9.37 10.56 -6.51
C THR B 151 10.00 11.94 -6.67
N LEU B 152 11.33 11.94 -6.70
CA LEU B 152 12.11 13.15 -6.92
C LEU B 152 13.50 12.74 -7.34
N SER B 153 14.05 13.54 -8.25
CA SER B 153 15.39 13.33 -8.77
C SER B 153 16.15 14.59 -8.38
N HIS B 154 17.37 14.43 -7.89
CA HIS B 154 18.18 15.57 -7.50
C HIS B 154 19.35 15.79 -8.45
N LEU B 155 19.69 17.06 -8.70
CA LEU B 155 20.82 17.39 -9.56
C LEU B 155 21.72 18.40 -8.86
N ALA B 156 22.93 17.99 -8.53
CA ALA B 156 23.91 18.88 -7.89
C ALA B 156 24.61 19.65 -8.99
N LEU B 157 24.86 20.95 -8.76
CA LEU B 157 25.51 21.78 -9.77
C LEU B 157 26.10 23.09 -9.24
N THR B 158 26.85 23.76 -10.11
CA THR B 158 27.44 25.06 -9.79
C THR B 158 26.73 26.04 -10.75
N PRO B 159 26.00 27.01 -10.18
CA PRO B 159 25.27 27.99 -10.98
C PRO B 159 26.06 28.84 -11.97
N SER B 160 25.44 29.06 -13.13
CA SER B 160 25.98 29.88 -14.22
C SER B 160 24.74 30.49 -14.89
N TYR B 161 24.59 31.79 -14.71
CA TYR B 161 23.44 32.53 -15.20
C TYR B 161 22.89 32.26 -16.60
N GLY B 162 23.72 31.76 -17.51
CA GLY B 162 23.23 31.47 -18.85
C GLY B 162 22.65 30.07 -19.01
N ASP B 163 23.05 29.16 -18.12
CA ASP B 163 22.62 27.76 -18.15
C ASP B 163 21.12 27.51 -17.95
N THR B 164 20.63 26.44 -18.56
CA THR B 164 19.23 26.05 -18.45
C THR B 164 19.14 24.55 -18.24
N TYR B 165 18.81 24.13 -17.02
CA TYR B 165 18.69 22.70 -16.72
C TYR B 165 17.26 22.22 -16.92
N THR B 166 17.13 21.04 -17.53
CA THR B 166 15.81 20.49 -17.78
C THR B 166 15.62 19.10 -17.23
N CYS B 167 14.49 18.91 -16.55
CA CYS B 167 14.15 17.61 -15.99
C CYS B 167 13.25 16.94 -17.02
N VAL B 168 13.62 15.74 -17.43
CA VAL B 168 12.82 15.01 -18.42
C VAL B 168 12.17 13.79 -17.78
N VAL B 169 10.85 13.83 -17.65
CA VAL B 169 10.08 12.74 -17.06
C VAL B 169 9.30 11.95 -18.11
N GLU B 170 9.40 10.62 -18.03
CA GLU B 170 8.70 9.74 -18.96
C GLU B 170 7.85 8.76 -18.16
N HIS B 171 6.56 8.71 -18.49
CA HIS B 171 5.60 7.84 -17.81
C HIS B 171 4.51 7.40 -18.78
N ILE B 172 4.02 6.16 -18.64
CA ILE B 172 2.97 5.64 -19.52
C ILE B 172 1.66 6.41 -19.48
N GLY B 173 1.40 7.10 -18.37
CA GLY B 173 0.18 7.87 -18.23
C GLY B 173 0.16 9.13 -19.08
N ALA B 174 1.29 9.45 -19.73
CA ALA B 174 1.42 10.63 -20.59
C ALA B 174 2.03 10.26 -21.96
N PRO B 175 1.40 10.69 -23.06
CA PRO B 175 1.86 10.41 -24.43
C PRO B 175 3.27 10.89 -24.74
N GLU B 176 3.53 12.17 -24.49
CA GLU B 176 4.85 12.75 -24.75
C GLU B 176 5.64 12.99 -23.45
N PRO B 177 6.98 13.01 -23.53
CA PRO B 177 7.79 13.24 -22.32
C PRO B 177 7.49 14.62 -21.74
N ILE B 178 7.60 14.76 -20.42
CA ILE B 178 7.34 16.05 -19.79
C ILE B 178 8.65 16.78 -19.42
N LEU B 179 8.79 18.02 -19.88
CA LEU B 179 9.98 18.80 -19.61
C LEU B 179 9.72 20.01 -18.71
N ARG B 180 10.57 20.17 -17.70
CA ARG B 180 10.45 21.28 -16.77
C ARG B 180 11.80 21.97 -16.68
N ASP B 181 11.85 23.22 -17.14
CA ASP B 181 13.09 24.00 -17.14
C ASP B 181 13.34 24.79 -15.87
N TRP B 182 14.62 25.08 -15.63
CA TRP B 182 15.04 25.87 -14.47
C TRP B 182 16.31 26.61 -14.87
N THR B 183 16.48 27.82 -14.34
CA THR B 183 17.63 28.64 -14.62
C THR B 183 17.97 29.43 -13.37
N PRO B 184 19.25 29.75 -13.14
CA PRO B 184 19.58 30.51 -11.93
C PRO B 184 18.72 31.77 -11.78
N GLY B 185 18.14 31.93 -10.60
CA GLY B 185 17.29 33.07 -10.33
C GLY B 185 15.91 33.01 -10.96
#